data_6L8P
#
_entry.id   6L8P
#
_cell.length_a   67.284
_cell.length_b   71.141
_cell.length_c   108.479
_cell.angle_alpha   90.000
_cell.angle_beta   90.000
_cell.angle_gamma   90.000
#
_symmetry.space_group_name_H-M   'P 21 21 21'
#
loop_
_entity.id
_entity.type
_entity.pdbx_description
1 polymer 'RidA family protein'
2 non-polymer 'MALONATE ION'
3 water water
#
_entity_poly.entity_id   1
_entity_poly.type   'polypeptide(L)'
_entity_poly.pdbx_seq_one_letter_code
;MGSSHHHHHHSSGLVPRGSHMTRQTIQTDKAPAAVGTYSQAVKVGNTVYISGQLGFDPETMELREGFKAQAEQVFENIKA
ICEAAGGSLNDVVKFNVSLTDLSDFAVLNEVFVANLSEPYPARAAVQVAALPKGGVVEIESILYIE
;
_entity_poly.pdbx_strand_id   A,B,C
#
loop_
_chem_comp.id
_chem_comp.type
_chem_comp.name
_chem_comp.formula
MLI non-polymer 'MALONATE ION' 'C3 H2 O4 -2'
#
# COMPACT_ATOMS: atom_id res chain seq x y z
N THR A 22 -16.65 0.80 15.51
CA THR A 22 -17.09 1.94 14.69
C THR A 22 -15.90 2.85 14.35
N ARG A 23 -15.94 3.45 13.16
CA ARG A 23 -14.85 4.31 12.73
C ARG A 23 -14.74 5.53 13.63
N GLN A 24 -13.52 5.93 13.93
CA GLN A 24 -13.22 7.21 14.56
C GLN A 24 -12.17 7.88 13.69
N THR A 25 -12.45 9.09 13.24
CA THR A 25 -11.45 9.90 12.55
C THR A 25 -10.54 10.59 13.56
N ILE A 26 -9.24 10.56 13.30
CA ILE A 26 -8.23 11.09 14.20
C ILE A 26 -7.75 12.42 13.63
N GLN A 27 -7.66 13.44 14.50
CA GLN A 27 -7.09 14.72 14.10
C GLN A 27 -6.26 15.26 15.26
N THR A 28 -5.09 15.80 14.93
CA THR A 28 -4.28 16.50 15.91
C THR A 28 -3.57 17.68 15.28
N ASP A 29 -3.56 18.81 15.98
CA ASP A 29 -2.75 19.92 15.49
C ASP A 29 -1.25 19.70 15.61
N LYS A 30 -0.81 18.62 16.26
CA LYS A 30 0.62 18.35 16.35
C LYS A 30 1.17 17.66 15.13
N ALA A 31 0.31 17.29 14.18
CA ALA A 31 0.78 16.79 12.90
C ALA A 31 0.29 17.71 11.79
N PRO A 32 0.90 17.64 10.62
CA PRO A 32 0.49 18.56 9.53
C PRO A 32 -0.97 18.38 9.14
N ALA A 33 -1.61 19.49 8.79
CA ALA A 33 -2.93 19.40 8.19
C ALA A 33 -2.83 18.65 6.87
N ALA A 34 -3.91 17.93 6.52
CA ALA A 34 -3.90 17.22 5.24
C ALA A 34 -3.69 18.20 4.09
N VAL A 35 -2.89 17.83 3.09
CA VAL A 35 -2.68 18.65 1.90
C VAL A 35 -3.57 18.22 0.76
N GLY A 36 -4.52 17.37 1.04
CA GLY A 36 -5.49 16.92 0.05
C GLY A 36 -6.75 16.46 0.77
N THR A 37 -7.59 15.72 0.05
CA THR A 37 -8.92 15.38 0.54
C THR A 37 -8.82 14.07 1.31
N TYR A 38 -8.35 14.19 2.57
CA TYR A 38 -8.16 13.03 3.44
C TYR A 38 -8.07 13.48 4.89
N SER A 39 -8.26 12.52 5.80
CA SER A 39 -8.06 12.71 7.23
C SER A 39 -6.68 12.19 7.60
N GLN A 40 -6.16 12.71 8.72
CA GLN A 40 -4.85 12.25 9.17
C GLN A 40 -4.83 10.75 9.45
N ALA A 41 -5.86 10.21 10.10
CA ALA A 41 -5.90 8.77 10.33
C ALA A 41 -7.33 8.38 10.62
N VAL A 42 -7.60 7.07 10.45
CA VAL A 42 -8.91 6.51 10.77
C VAL A 42 -8.69 5.29 11.64
N LYS A 43 -9.39 5.22 12.76
CA LYS A 43 -9.26 4.12 13.70
C LYS A 43 -10.53 3.29 13.66
N VAL A 44 -10.37 1.97 13.55
CA VAL A 44 -11.49 1.04 13.62
C VAL A 44 -11.09 -0.04 14.62
N GLY A 45 -11.69 0.03 15.80
CA GLY A 45 -11.29 -0.91 16.84
C GLY A 45 -9.87 -0.64 17.27
N ASN A 46 -9.05 -1.68 17.25
CA ASN A 46 -7.65 -1.56 17.61
C ASN A 46 -6.78 -1.16 16.45
N THR A 47 -7.32 -1.17 15.23
CA THR A 47 -6.50 -0.91 14.03
C THR A 47 -6.55 0.57 13.68
N VAL A 48 -5.42 1.16 13.34
CA VAL A 48 -5.42 2.55 12.92
C VAL A 48 -4.73 2.63 11.56
N TYR A 49 -5.36 3.29 10.60
CA TYR A 49 -4.75 3.56 9.28
C TYR A 49 -4.30 5.01 9.30
N ILE A 50 -2.98 5.24 9.27
CA ILE A 50 -2.42 6.60 9.26
C ILE A 50 -2.06 6.95 7.81
N SER A 51 -2.57 8.11 7.37
CA SER A 51 -2.27 8.63 6.04
C SER A 51 -0.78 8.79 5.83
N GLY A 52 -0.39 8.76 4.55
CA GLY A 52 1.00 9.08 4.23
C GLY A 52 1.39 10.40 4.85
N GLN A 53 2.55 10.42 5.50
CA GLN A 53 3.10 11.63 6.10
C GLN A 53 4.34 12.05 5.35
N LEU A 54 4.45 13.34 5.08
CA LEU A 54 5.62 13.96 4.47
C LEU A 54 6.35 14.78 5.53
N GLY A 55 7.55 15.24 5.19
CA GLY A 55 8.41 15.88 6.18
C GLY A 55 8.08 17.35 6.44
N PHE A 56 6.81 17.68 6.59
CA PHE A 56 6.40 19.05 6.89
C PHE A 56 6.57 19.38 8.36
N ASP A 57 7.04 20.58 8.64
CA ASP A 57 6.80 21.18 9.96
C ASP A 57 5.29 21.39 10.13
N PRO A 58 4.65 20.86 11.18
CA PRO A 58 3.18 20.92 11.23
C PRO A 58 2.63 22.32 11.41
N GLU A 59 3.42 23.28 11.85
CA GLU A 59 2.88 24.63 11.98
C GLU A 59 3.05 25.43 10.70
N THR A 60 4.20 25.30 10.07
CA THR A 60 4.48 26.13 8.91
C THR A 60 4.08 25.49 7.60
N MET A 61 3.85 24.16 7.61
CA MET A 61 3.61 23.38 6.40
C MET A 61 4.72 23.50 5.37
N GLU A 62 5.95 23.77 5.81
CA GLU A 62 7.11 23.76 4.93
C GLU A 62 7.89 22.48 5.15
N LEU A 63 8.36 21.89 4.06
CA LEU A 63 9.24 20.71 4.17
C LEU A 63 10.57 21.07 4.82
N ARG A 64 11.04 20.19 5.70
CA ARG A 64 12.38 20.33 6.23
C ARG A 64 13.42 20.20 5.11
N GLU A 65 14.63 20.70 5.38
CA GLU A 65 15.68 20.69 4.36
C GLU A 65 16.42 19.36 4.35
N GLY A 66 16.34 18.64 3.22
CA GLY A 66 17.09 17.42 2.99
C GLY A 66 16.39 16.16 3.50
N PHE A 67 16.89 15.01 3.02
CA PHE A 67 16.24 13.74 3.34
C PHE A 67 16.23 13.44 4.83
N LYS A 68 17.39 13.51 5.51
CA LYS A 68 17.40 13.07 6.91
C LYS A 68 16.42 13.88 7.76
N ALA A 69 16.43 15.20 7.59
CA ALA A 69 15.54 16.05 8.36
C ALA A 69 14.08 15.78 8.02
N GLN A 70 13.78 15.55 6.74
CA GLN A 70 12.41 15.19 6.37
C GLN A 70 12.01 13.85 6.97
N ALA A 71 12.92 12.86 6.95
CA ALA A 71 12.56 11.54 7.53
C ALA A 71 12.34 11.63 9.06
N GLU A 72 13.20 12.38 9.76
CA GLU A 72 12.99 12.59 11.18
C GLU A 72 11.66 13.27 11.44
N GLN A 73 11.33 14.28 10.61
CA GLN A 73 10.06 14.99 10.78
C GLN A 73 8.87 14.09 10.48
N VAL A 74 8.99 13.21 9.47
CA VAL A 74 7.92 12.24 9.21
C VAL A 74 7.66 11.39 10.44
N PHE A 75 8.74 10.94 11.09
CA PHE A 75 8.54 10.16 12.32
C PHE A 75 7.86 10.99 13.42
N GLU A 76 8.24 12.27 13.57
CA GLU A 76 7.55 13.09 14.58
C GLU A 76 6.06 13.24 14.26
N ASN A 77 5.75 13.43 12.96
CA ASN A 77 4.37 13.56 12.52
C ASN A 77 3.56 12.28 12.77
N ILE A 78 4.16 11.12 12.43
CA ILE A 78 3.49 9.86 12.69
C ILE A 78 3.28 9.66 14.17
N LYS A 79 4.32 9.93 14.98
CA LYS A 79 4.22 9.76 16.43
C LYS A 79 3.07 10.59 17.00
N ALA A 80 2.94 11.84 16.53
CA ALA A 80 1.86 12.68 17.03
C ALA A 80 0.50 12.05 16.74
N ILE A 81 0.32 11.48 15.53
CA ILE A 81 -0.95 10.88 15.20
C ILE A 81 -1.18 9.60 15.99
N CYS A 82 -0.12 8.82 16.20
CA CYS A 82 -0.23 7.63 17.04
C CYS A 82 -0.77 7.99 18.40
N GLU A 83 -0.21 9.05 18.99
CA GLU A 83 -0.62 9.46 20.33
C GLU A 83 -2.04 9.96 20.33
N ALA A 84 -2.44 10.72 19.30
CA ALA A 84 -3.82 11.15 19.20
C ALA A 84 -4.78 9.97 19.07
N ALA A 85 -4.30 8.84 18.55
CA ALA A 85 -5.15 7.65 18.43
C ALA A 85 -5.13 6.79 19.67
N GLY A 86 -4.36 7.18 20.70
CA GLY A 86 -4.26 6.43 21.93
C GLY A 86 -3.19 5.37 21.91
N GLY A 87 -2.27 5.46 20.96
CA GLY A 87 -1.17 4.53 20.90
C GLY A 87 0.19 5.18 20.85
N SER A 88 1.16 4.48 20.27
CA SER A 88 2.53 4.96 20.13
C SER A 88 3.14 4.26 18.91
N LEU A 89 4.38 4.66 18.57
CA LEU A 89 5.09 3.99 17.46
C LEU A 89 5.28 2.50 17.75
N ASN A 90 5.31 2.10 19.03
CA ASN A 90 5.42 0.67 19.33
C ASN A 90 4.24 -0.13 18.82
N ASP A 91 3.14 0.54 18.48
CA ASP A 91 1.96 -0.17 17.99
C ASP A 91 1.94 -0.31 16.47
N VAL A 92 2.90 0.28 15.77
CA VAL A 92 2.92 0.12 14.31
C VAL A 92 3.19 -1.33 13.97
N VAL A 93 2.37 -1.89 13.06
CA VAL A 93 2.59 -3.23 12.52
C VAL A 93 3.09 -3.21 11.09
N LYS A 94 2.86 -2.12 10.34
CA LYS A 94 3.33 -2.08 8.95
C LYS A 94 3.61 -0.63 8.59
N PHE A 95 4.78 -0.38 8.02
CA PHE A 95 5.12 0.89 7.38
C PHE A 95 5.23 0.68 5.87
N ASN A 96 4.79 1.66 5.09
CA ASN A 96 5.04 1.67 3.65
C ASN A 96 5.82 2.92 3.34
N VAL A 97 7.02 2.75 2.82
CA VAL A 97 7.92 3.89 2.59
C VAL A 97 8.04 4.15 1.10
N SER A 98 7.85 5.43 0.72
CA SER A 98 8.09 5.88 -0.65
C SER A 98 9.22 6.90 -0.63
N LEU A 99 10.29 6.62 -1.36
CA LEU A 99 11.46 7.50 -1.48
C LEU A 99 11.55 8.04 -2.89
N THR A 100 12.10 9.26 -3.06
CA THR A 100 12.42 9.66 -4.43
C THR A 100 13.84 9.27 -4.84
N ASP A 101 14.67 8.79 -3.90
CA ASP A 101 16.04 8.38 -4.23
C ASP A 101 16.47 7.25 -3.31
N LEU A 102 16.61 6.03 -3.85
CA LEU A 102 17.03 4.93 -2.98
C LEU A 102 18.46 5.07 -2.48
N SER A 103 19.23 6.04 -2.99
CA SER A 103 20.48 6.40 -2.34
C SER A 103 20.27 6.78 -0.88
N ASP A 104 19.06 7.20 -0.50
CA ASP A 104 18.77 7.52 0.89
C ASP A 104 18.43 6.30 1.76
N PHE A 105 18.50 5.08 1.21
CA PHE A 105 18.08 3.87 1.92
C PHE A 105 18.87 3.66 3.22
N ALA A 106 20.19 3.84 3.17
CA ALA A 106 20.97 3.62 4.39
C ALA A 106 20.54 4.58 5.48
N VAL A 107 20.39 5.88 5.15
CA VAL A 107 19.99 6.81 6.18
C VAL A 107 18.55 6.55 6.63
N LEU A 108 17.67 6.10 5.71
CA LEU A 108 16.32 5.69 6.13
C LEU A 108 16.40 4.65 7.22
N ASN A 109 17.25 3.63 7.01
CA ASN A 109 17.31 2.56 7.99
C ASN A 109 17.86 3.08 9.31
N GLU A 110 18.79 4.06 9.26
CA GLU A 110 19.32 4.65 10.48
C GLU A 110 18.25 5.42 11.25
N VAL A 111 17.43 6.20 10.53
CA VAL A 111 16.38 6.95 11.19
C VAL A 111 15.37 6.01 11.81
N PHE A 112 15.11 4.87 11.14
CA PHE A 112 14.22 3.87 11.70
C PHE A 112 14.76 3.36 13.04
N VAL A 113 16.07 3.03 13.06
CA VAL A 113 16.67 2.48 14.28
C VAL A 113 16.59 3.52 15.39
N ALA A 114 16.79 4.79 15.04
CA ALA A 114 16.79 5.84 16.07
C ALA A 114 15.41 6.05 16.66
N ASN A 115 14.35 5.74 15.90
CA ASN A 115 13.02 6.07 16.34
C ASN A 115 12.20 4.89 16.83
N LEU A 116 12.68 3.66 16.66
CA LEU A 116 11.88 2.47 16.89
C LEU A 116 12.66 1.53 17.79
N SER A 117 11.92 0.73 18.55
CA SER A 117 12.50 -0.38 19.28
C SER A 117 11.96 -1.70 18.73
N GLU A 118 12.79 -2.73 18.81
CA GLU A 118 12.37 -4.07 18.43
C GLU A 118 11.18 -4.54 19.26
N PRO A 119 10.35 -5.42 18.70
CA PRO A 119 10.46 -5.88 17.30
C PRO A 119 10.02 -4.80 16.28
N TYR A 120 10.72 -4.71 15.15
CA TYR A 120 10.34 -3.69 14.16
C TYR A 120 9.09 -4.10 13.38
N PRO A 121 8.36 -3.13 12.85
CA PRO A 121 7.19 -3.46 12.03
C PRO A 121 7.61 -4.12 10.72
N ALA A 122 6.61 -4.72 10.07
CA ALA A 122 6.74 -5.09 8.67
C ALA A 122 6.89 -3.81 7.85
N ARG A 123 7.48 -3.94 6.68
CA ARG A 123 7.77 -2.76 5.86
C ARG A 123 7.76 -3.11 4.38
N ALA A 124 7.47 -2.11 3.56
CA ALA A 124 7.85 -2.13 2.16
C ALA A 124 8.51 -0.81 1.83
N ALA A 125 9.35 -0.80 0.79
CA ALA A 125 10.06 0.42 0.43
C ALA A 125 10.28 0.42 -1.06
N VAL A 126 9.97 1.54 -1.72
CA VAL A 126 10.18 1.64 -3.15
C VAL A 126 10.66 3.05 -3.46
N GLN A 127 11.29 3.22 -4.64
CA GLN A 127 11.58 4.55 -5.14
C GLN A 127 10.47 4.94 -6.12
N VAL A 128 9.74 6.00 -5.80
CA VAL A 128 8.67 6.51 -6.67
C VAL A 128 9.26 7.60 -7.56
N ALA A 129 8.45 8.06 -8.54
CA ALA A 129 8.92 9.11 -9.43
C ALA A 129 8.92 10.48 -8.75
N ALA A 130 7.95 10.74 -7.89
CA ALA A 130 7.83 12.04 -7.23
C ALA A 130 6.81 11.91 -6.11
N LEU A 131 6.82 12.89 -5.21
CA LEU A 131 5.91 12.95 -4.07
C LEU A 131 5.24 14.30 -3.99
N PRO A 132 4.09 14.39 -3.32
CA PRO A 132 3.40 15.67 -3.25
C PRO A 132 4.29 16.76 -2.67
N LYS A 133 4.17 17.94 -3.26
CA LYS A 133 4.84 19.16 -2.82
C LYS A 133 6.36 19.05 -2.91
N GLY A 134 6.87 18.03 -3.61
CA GLY A 134 8.30 17.90 -3.80
C GLY A 134 9.01 17.25 -2.62
N GLY A 135 8.28 16.60 -1.74
CA GLY A 135 8.93 15.82 -0.68
C GLY A 135 9.81 14.72 -1.25
N VAL A 136 10.78 14.27 -0.42
CA VAL A 136 11.64 13.14 -0.83
C VAL A 136 11.36 11.88 -0.04
N VAL A 137 10.42 11.89 0.89
CA VAL A 137 10.06 10.67 1.63
C VAL A 137 8.61 10.80 2.11
N GLU A 138 7.81 9.75 1.92
CA GLU A 138 6.46 9.67 2.46
C GLU A 138 6.34 8.31 3.14
N ILE A 139 5.76 8.27 4.35
CA ILE A 139 5.61 7.00 5.05
C ILE A 139 4.17 6.88 5.50
N GLU A 140 3.53 5.74 5.17
CA GLU A 140 2.19 5.36 5.63
C GLU A 140 2.32 4.33 6.73
N SER A 141 1.32 4.27 7.62
CA SER A 141 1.46 3.37 8.77
C SER A 141 0.14 2.68 9.07
N ILE A 142 0.22 1.44 9.58
CA ILE A 142 -0.93 0.76 10.14
C ILE A 142 -0.53 0.36 11.55
N LEU A 143 -1.40 0.67 12.52
CA LEU A 143 -1.23 0.32 13.94
C LEU A 143 -2.18 -0.77 14.33
N TYR A 144 -1.75 -1.57 15.32
CA TYR A 144 -2.66 -2.39 16.11
C TYR A 144 -2.40 -2.04 17.56
N ILE A 145 -3.36 -1.38 18.19
CA ILE A 145 -3.16 -0.89 19.56
C ILE A 145 -3.61 -1.96 20.59
N ARG B 23 -0.08 -10.42 19.28
CA ARG B 23 0.90 -9.92 18.29
C ARG B 23 2.18 -10.77 18.24
N GLN B 24 2.50 -11.28 17.05
CA GLN B 24 3.67 -12.10 16.84
C GLN B 24 4.50 -11.49 15.72
N THR B 25 5.79 -11.44 15.93
CA THR B 25 6.73 -11.09 14.88
C THR B 25 7.29 -12.37 14.28
N ILE B 26 7.00 -12.60 13.02
CA ILE B 26 7.41 -13.85 12.40
C ILE B 26 8.85 -13.73 11.92
N GLN B 27 9.64 -14.79 12.09
CA GLN B 27 11.01 -14.82 11.56
C GLN B 27 11.37 -16.25 11.22
N THR B 28 11.55 -16.52 9.94
CA THR B 28 12.02 -17.84 9.52
C THR B 28 13.13 -17.67 8.50
N ASP B 29 14.22 -18.42 8.65
CA ASP B 29 15.28 -18.37 7.67
C ASP B 29 14.96 -19.14 6.40
N LYS B 30 13.76 -19.70 6.28
CA LYS B 30 13.30 -20.19 4.98
C LYS B 30 12.97 -19.05 4.04
N ALA B 31 12.88 -17.83 4.54
CA ALA B 31 12.68 -16.64 3.73
C ALA B 31 13.85 -15.69 3.94
N PRO B 32 14.03 -14.71 3.07
CA PRO B 32 15.21 -13.83 3.19
C PRO B 32 15.21 -13.02 4.48
N ALA B 33 16.42 -12.82 5.01
CA ALA B 33 16.59 -11.89 6.11
C ALA B 33 16.17 -10.49 5.68
N ALA B 34 15.63 -9.71 6.62
CA ALA B 34 15.40 -8.29 6.29
C ALA B 34 16.70 -7.57 5.88
N VAL B 35 16.62 -6.76 4.80
CA VAL B 35 17.77 -5.96 4.34
C VAL B 35 17.67 -4.51 4.81
N GLY B 36 16.80 -4.26 5.78
CA GLY B 36 16.66 -2.94 6.37
C GLY B 36 16.01 -3.13 7.73
N THR B 37 15.55 -2.02 8.31
CA THR B 37 15.03 -1.99 9.68
C THR B 37 13.56 -2.38 9.68
N TYR B 38 13.32 -3.69 9.58
CA TYR B 38 11.96 -4.22 9.55
C TYR B 38 12.01 -5.70 9.90
N SER B 39 10.84 -6.26 10.19
CA SER B 39 10.64 -7.68 10.40
C SER B 39 9.98 -8.31 9.18
N GLN B 40 10.13 -9.64 9.04
CA GLN B 40 9.54 -10.32 7.89
C GLN B 40 8.03 -10.15 7.83
N ALA B 41 7.35 -10.33 8.96
CA ALA B 41 5.89 -10.20 8.98
C ALA B 41 5.46 -10.00 10.42
N VAL B 42 4.29 -9.38 10.57
CA VAL B 42 3.67 -9.19 11.88
C VAL B 42 2.27 -9.76 11.81
N LYS B 43 1.93 -10.63 12.78
CA LYS B 43 0.58 -11.21 12.85
C LYS B 43 -0.15 -10.60 14.04
N VAL B 44 -1.36 -10.08 13.80
CA VAL B 44 -2.18 -9.54 14.88
C VAL B 44 -3.56 -10.15 14.71
N GLY B 45 -3.97 -10.97 15.67
CA GLY B 45 -5.23 -11.65 15.50
C GLY B 45 -5.15 -12.56 14.31
N ASN B 46 -6.12 -12.43 13.41
CA ASN B 46 -6.17 -13.26 12.22
C ASN B 46 -5.37 -12.68 11.06
N THR B 47 -4.94 -11.44 11.18
CA THR B 47 -4.38 -10.72 10.03
C THR B 47 -2.88 -10.77 10.08
N VAL B 48 -2.25 -11.01 8.92
CA VAL B 48 -0.79 -10.99 8.86
C VAL B 48 -0.36 -9.95 7.84
N TYR B 49 0.57 -9.09 8.22
CA TYR B 49 1.16 -8.11 7.29
C TYR B 49 2.55 -8.61 6.94
N ILE B 50 2.76 -9.01 5.69
CA ILE B 50 4.07 -9.49 5.23
C ILE B 50 4.78 -8.34 4.53
N SER B 51 6.04 -8.14 4.94
CA SER B 51 6.91 -7.14 4.33
C SER B 51 7.04 -7.37 2.83
N GLY B 52 7.36 -6.28 2.13
CA GLY B 52 7.71 -6.42 0.73
C GLY B 52 8.83 -7.44 0.58
N GLN B 53 8.63 -8.39 -0.32
CA GLN B 53 9.62 -9.42 -0.62
C GLN B 53 10.22 -9.18 -1.99
N LEU B 54 11.53 -9.33 -2.07
CA LEU B 54 12.30 -9.30 -3.31
C LEU B 54 12.77 -10.71 -3.65
N GLY B 55 13.27 -10.88 -4.87
CA GLY B 55 13.62 -12.21 -5.31
C GLY B 55 14.96 -12.75 -4.84
N PHE B 56 15.24 -12.60 -3.54
CA PHE B 56 16.47 -13.16 -2.95
C PHE B 56 16.33 -14.67 -2.76
N ASP B 57 17.39 -15.41 -3.11
CA ASP B 57 17.57 -16.77 -2.57
C ASP B 57 17.90 -16.66 -1.08
N PRO B 58 17.07 -17.18 -0.17
CA PRO B 58 17.36 -17.01 1.27
C PRO B 58 18.68 -17.62 1.65
N GLU B 59 19.16 -18.63 0.91
CA GLU B 59 20.40 -19.31 1.32
C GLU B 59 21.63 -18.45 1.09
N THR B 60 21.62 -17.57 0.08
CA THR B 60 22.77 -16.76 -0.29
C THR B 60 22.53 -15.29 -0.14
N MET B 61 21.28 -14.88 0.03
CA MET B 61 20.88 -13.47 0.01
C MET B 61 21.38 -12.76 -1.24
N GLU B 62 21.36 -13.47 -2.36
CA GLU B 62 21.62 -12.89 -3.68
C GLU B 62 20.32 -12.92 -4.48
N LEU B 63 20.08 -11.87 -5.26
CA LEU B 63 18.92 -11.85 -6.13
C LEU B 63 19.04 -12.88 -7.25
N ARG B 64 17.94 -13.57 -7.54
CA ARG B 64 17.88 -14.41 -8.73
C ARG B 64 18.08 -13.55 -9.98
N GLU B 65 18.44 -14.20 -11.10
CA GLU B 65 18.77 -13.43 -12.31
C GLU B 65 17.54 -13.22 -13.17
N GLY B 66 17.09 -11.96 -13.25
CA GLY B 66 16.07 -11.55 -14.20
C GLY B 66 14.67 -11.56 -13.58
N PHE B 67 13.73 -10.94 -14.31
CA PHE B 67 12.40 -10.74 -13.76
C PHE B 67 11.70 -12.05 -13.41
N LYS B 68 11.64 -13.01 -14.36
CA LYS B 68 10.81 -14.19 -14.10
C LYS B 68 11.34 -14.99 -12.91
N ALA B 69 12.66 -15.16 -12.84
CA ALA B 69 13.24 -15.91 -11.74
C ALA B 69 13.05 -15.17 -10.42
N GLN B 70 13.17 -13.85 -10.44
CA GLN B 70 12.89 -13.08 -9.22
C GLN B 70 11.44 -13.21 -8.80
N ALA B 71 10.50 -13.13 -9.75
CA ALA B 71 9.09 -13.22 -9.36
C ALA B 71 8.75 -14.60 -8.80
N GLU B 72 9.30 -15.65 -9.42
CA GLU B 72 9.09 -17.00 -8.88
C GLU B 72 9.68 -17.11 -7.48
N GLN B 73 10.85 -16.53 -7.27
CA GLN B 73 11.47 -16.61 -5.96
C GLN B 73 10.67 -15.81 -4.94
N VAL B 74 10.12 -14.66 -5.36
CA VAL B 74 9.29 -13.88 -4.43
C VAL B 74 8.15 -14.73 -3.92
N PHE B 75 7.52 -15.51 -4.82
CA PHE B 75 6.43 -16.36 -4.35
C PHE B 75 6.91 -17.43 -3.39
N GLU B 76 8.09 -18.01 -3.64
CA GLU B 76 8.64 -18.96 -2.66
C GLU B 76 8.84 -18.30 -1.31
N ASN B 77 9.36 -17.06 -1.33
CA ASN B 77 9.68 -16.34 -0.09
C ASN B 77 8.38 -15.99 0.68
N ILE B 78 7.38 -15.48 -0.03
CA ILE B 78 6.09 -15.20 0.58
C ILE B 78 5.48 -16.48 1.13
N LYS B 79 5.51 -17.58 0.36
CA LYS B 79 4.92 -18.84 0.84
C LYS B 79 5.58 -19.28 2.14
N ALA B 80 6.91 -19.15 2.23
CA ALA B 80 7.60 -19.57 3.46
C ALA B 80 7.13 -18.74 4.65
N ILE B 81 6.97 -17.43 4.44
CA ILE B 81 6.50 -16.58 5.55
C ILE B 81 5.05 -16.91 5.90
N CYS B 82 4.19 -17.16 4.89
CA CYS B 82 2.80 -17.57 5.13
C CYS B 82 2.76 -18.77 6.04
N GLU B 83 3.58 -19.77 5.73
CA GLU B 83 3.57 -21.00 6.52
C GLU B 83 4.08 -20.73 7.94
N ALA B 84 5.11 -19.88 8.08
CA ALA B 84 5.60 -19.54 9.43
C ALA B 84 4.59 -18.71 10.21
N ALA B 85 3.62 -18.11 9.52
CA ALA B 85 2.57 -17.37 10.19
C ALA B 85 1.36 -18.22 10.46
N GLY B 86 1.44 -19.51 10.15
CA GLY B 86 0.34 -20.42 10.42
C GLY B 86 -0.66 -20.54 9.30
N GLY B 87 -0.33 -20.07 8.11
CA GLY B 87 -1.25 -20.07 6.99
C GLY B 87 -0.61 -20.57 5.71
N SER B 88 -1.11 -20.05 4.61
CA SER B 88 -0.62 -20.48 3.29
C SER B 88 -0.94 -19.38 2.29
N LEU B 89 -0.48 -19.55 1.04
CA LEU B 89 -0.81 -18.58 -0.01
C LEU B 89 -2.32 -18.47 -0.20
N ASN B 90 -3.07 -19.52 0.12
CA ASN B 90 -4.53 -19.43 0.00
C ASN B 90 -5.14 -18.42 0.97
N ASP B 91 -4.43 -17.99 2.00
CA ASP B 91 -4.95 -17.04 2.95
C ASP B 91 -4.67 -15.60 2.56
N VAL B 92 -3.88 -15.36 1.51
CA VAL B 92 -3.63 -13.98 1.10
C VAL B 92 -4.93 -13.34 0.63
N VAL B 93 -5.21 -12.13 1.13
CA VAL B 93 -6.38 -11.37 0.71
C VAL B 93 -5.98 -10.24 -0.22
N LYS B 94 -4.73 -9.77 -0.09
CA LYS B 94 -4.31 -8.64 -0.93
C LYS B 94 -2.83 -8.73 -1.19
N PHE B 95 -2.43 -8.55 -2.46
CA PHE B 95 -1.04 -8.37 -2.85
C PHE B 95 -0.84 -6.95 -3.37
N ASN B 96 0.33 -6.36 -3.08
CA ASN B 96 0.70 -5.09 -3.72
C ASN B 96 1.98 -5.34 -4.49
N VAL B 97 1.95 -5.14 -5.82
CA VAL B 97 3.08 -5.44 -6.68
C VAL B 97 3.74 -4.15 -7.14
N SER B 98 5.05 -4.08 -6.99
CA SER B 98 5.83 -2.99 -7.57
C SER B 98 6.76 -3.59 -8.63
N LEU B 99 6.60 -3.15 -9.88
CA LEU B 99 7.47 -3.51 -11.00
C LEU B 99 8.41 -2.37 -11.34
N THR B 100 9.62 -2.68 -11.84
CA THR B 100 10.39 -1.56 -12.39
C THR B 100 10.18 -1.42 -13.88
N ASP B 101 9.44 -2.31 -14.52
CA ASP B 101 9.06 -2.10 -15.92
C ASP B 101 7.71 -2.72 -16.22
N LEU B 102 6.78 -1.89 -16.69
CA LEU B 102 5.43 -2.34 -17.04
C LEU B 102 5.45 -3.45 -18.08
N SER B 103 6.50 -3.51 -18.92
CA SER B 103 6.53 -4.60 -19.89
C SER B 103 6.63 -5.98 -19.25
N ASP B 104 6.92 -6.08 -17.95
CA ASP B 104 6.92 -7.37 -17.28
C ASP B 104 5.53 -7.81 -16.83
N PHE B 105 4.48 -7.00 -17.12
CA PHE B 105 3.14 -7.31 -16.61
C PHE B 105 2.65 -8.65 -17.11
N ALA B 106 2.86 -8.98 -18.41
CA ALA B 106 2.36 -10.27 -18.89
C ALA B 106 3.00 -11.44 -18.15
N VAL B 107 4.31 -11.43 -17.97
CA VAL B 107 4.94 -12.55 -17.26
C VAL B 107 4.53 -12.53 -15.78
N LEU B 108 4.35 -11.32 -15.19
CA LEU B 108 3.87 -11.26 -13.81
C LEU B 108 2.58 -12.05 -13.69
N ASN B 109 1.66 -11.82 -14.63
CA ASN B 109 0.37 -12.48 -14.49
C ASN B 109 0.51 -13.99 -14.69
N GLU B 110 1.45 -14.41 -15.55
CA GLU B 110 1.67 -15.84 -15.74
C GLU B 110 2.25 -16.46 -14.48
N VAL B 111 3.17 -15.75 -13.83
CA VAL B 111 3.75 -16.29 -12.61
C VAL B 111 2.70 -16.38 -11.51
N PHE B 112 1.78 -15.40 -11.46
CA PHE B 112 0.69 -15.47 -10.48
C PHE B 112 -0.17 -16.71 -10.73
N VAL B 113 -0.52 -16.99 -12.00
CA VAL B 113 -1.37 -18.16 -12.28
C VAL B 113 -0.65 -19.42 -11.86
N ALA B 114 0.68 -19.47 -12.09
CA ALA B 114 1.41 -20.69 -11.80
C ALA B 114 1.53 -20.96 -10.32
N ASN B 115 1.42 -19.91 -9.49
CA ASN B 115 1.68 -20.06 -8.08
C ASN B 115 0.46 -19.97 -7.20
N LEU B 116 -0.71 -19.62 -7.75
CA LEU B 116 -1.90 -19.39 -6.95
C LEU B 116 -3.05 -20.21 -7.50
N SER B 117 -3.99 -20.56 -6.63
CA SER B 117 -5.25 -21.16 -7.07
C SER B 117 -6.40 -20.18 -6.83
N GLU B 118 -7.41 -20.28 -7.68
CA GLU B 118 -8.58 -19.44 -7.51
C GLU B 118 -9.28 -19.77 -6.19
N PRO B 119 -9.96 -18.80 -5.58
CA PRO B 119 -10.07 -17.39 -6.01
C PRO B 119 -8.80 -16.60 -5.74
N TYR B 120 -8.46 -15.72 -6.65
CA TYR B 120 -7.22 -14.97 -6.47
C TYR B 120 -7.40 -13.83 -5.49
N PRO B 121 -6.36 -13.44 -4.77
CA PRO B 121 -6.46 -12.26 -3.90
C PRO B 121 -6.72 -10.98 -4.69
N ALA B 122 -7.17 -9.94 -3.96
CA ALA B 122 -7.17 -8.60 -4.53
C ALA B 122 -5.73 -8.17 -4.77
N ARG B 123 -5.55 -7.16 -5.64
CA ARG B 123 -4.18 -6.78 -6.00
C ARG B 123 -4.16 -5.33 -6.45
N ALA B 124 -2.98 -4.71 -6.29
CA ALA B 124 -2.64 -3.50 -7.02
C ALA B 124 -1.28 -3.71 -7.65
N ALA B 125 -1.02 -2.97 -8.74
CA ALA B 125 0.27 -3.09 -9.42
C ALA B 125 0.62 -1.77 -10.05
N VAL B 126 1.88 -1.35 -9.89
CA VAL B 126 2.36 -0.10 -10.48
C VAL B 126 3.78 -0.35 -10.98
N GLN B 127 4.25 0.55 -11.86
CA GLN B 127 5.67 0.61 -12.20
C GLN B 127 6.28 1.72 -11.37
N VAL B 128 7.21 1.36 -10.48
CA VAL B 128 7.98 2.33 -9.69
C VAL B 128 9.28 2.67 -10.40
N ALA B 129 9.99 3.65 -9.87
CA ALA B 129 11.26 4.06 -10.46
C ALA B 129 12.38 3.06 -10.20
N ALA B 130 12.44 2.50 -8.99
CA ALA B 130 13.52 1.59 -8.64
C ALA B 130 13.12 0.86 -7.36
N LEU B 131 13.84 -0.24 -7.08
CA LEU B 131 13.61 -1.04 -5.90
C LEU B 131 14.91 -1.33 -5.16
N PRO B 132 14.83 -1.62 -3.86
CA PRO B 132 16.04 -1.87 -3.09
C PRO B 132 16.88 -2.97 -3.72
N LYS B 133 18.21 -2.78 -3.67
CA LYS B 133 19.20 -3.76 -4.08
C LYS B 133 19.14 -4.05 -5.58
N GLY B 134 18.44 -3.23 -6.35
CA GLY B 134 18.33 -3.44 -7.77
C GLY B 134 17.34 -4.51 -8.19
N GLY B 135 16.48 -4.95 -7.28
CA GLY B 135 15.43 -5.88 -7.66
C GLY B 135 14.54 -5.28 -8.73
N VAL B 136 13.89 -6.15 -9.50
CA VAL B 136 12.96 -5.68 -10.51
C VAL B 136 11.51 -6.02 -10.17
N VAL B 137 11.26 -6.62 -9.00
CA VAL B 137 9.89 -6.85 -8.56
C VAL B 137 9.91 -6.94 -7.04
N GLU B 138 8.90 -6.31 -6.40
CA GLU B 138 8.69 -6.41 -4.96
C GLU B 138 7.21 -6.69 -4.75
N ILE B 139 6.86 -7.63 -3.90
CA ILE B 139 5.46 -7.95 -3.64
C ILE B 139 5.21 -7.95 -2.13
N GLU B 140 4.24 -7.13 -1.69
CA GLU B 140 3.77 -7.08 -0.30
C GLU B 140 2.48 -7.89 -0.16
N SER B 141 2.21 -8.40 1.04
CA SER B 141 1.07 -9.30 1.18
C SER B 141 0.34 -9.01 2.49
N ILE B 142 -0.99 -9.16 2.46
CA ILE B 142 -1.80 -9.20 3.69
C ILE B 142 -2.58 -10.52 3.66
N LEU B 143 -2.51 -11.26 4.78
CA LEU B 143 -3.26 -12.50 4.95
C LEU B 143 -4.38 -12.32 5.96
N TYR B 144 -5.41 -13.17 5.81
CA TYR B 144 -6.40 -13.39 6.85
C TYR B 144 -6.49 -14.90 7.04
N ILE B 145 -6.08 -15.39 8.20
CA ILE B 145 -6.03 -16.82 8.44
C ILE B 145 -7.25 -17.28 9.25
N THR C 22 -17.42 -16.05 6.12
CA THR C 22 -16.49 -15.06 6.65
C THR C 22 -15.65 -14.44 5.55
N ARG C 23 -15.17 -15.26 4.59
CA ARG C 23 -14.37 -14.77 3.47
C ARG C 23 -15.15 -14.87 2.16
N GLN C 24 -15.24 -13.76 1.44
CA GLN C 24 -15.96 -13.71 0.19
C GLN C 24 -15.07 -13.04 -0.84
N THR C 25 -15.07 -13.57 -2.05
CA THR C 25 -14.41 -12.94 -3.18
C THR C 25 -15.49 -12.26 -4.01
N ILE C 26 -15.45 -10.92 -4.07
CA ILE C 26 -16.51 -10.15 -4.70
C ILE C 26 -16.28 -10.13 -6.20
N GLN C 27 -17.35 -10.31 -6.98
CA GLN C 27 -17.23 -10.15 -8.43
C GLN C 27 -18.55 -9.61 -8.97
N THR C 28 -18.51 -8.39 -9.49
CA THR C 28 -19.68 -7.79 -10.12
C THR C 28 -19.30 -7.18 -11.45
N ASP C 29 -20.11 -7.42 -12.47
CA ASP C 29 -19.83 -6.83 -13.77
C ASP C 29 -20.25 -5.37 -13.86
N LYS C 30 -20.76 -4.80 -12.76
CA LYS C 30 -20.93 -3.35 -12.68
C LYS C 30 -19.59 -2.64 -12.53
N ALA C 31 -18.53 -3.40 -12.25
CA ALA C 31 -17.18 -2.83 -12.22
C ALA C 31 -16.31 -3.54 -13.24
N PRO C 32 -15.14 -3.02 -13.58
CA PRO C 32 -14.34 -3.64 -14.64
C PRO C 32 -13.82 -5.02 -14.25
N ALA C 33 -13.75 -5.88 -15.26
CA ALA C 33 -13.13 -7.17 -15.07
C ALA C 33 -11.66 -6.97 -14.71
N ALA C 34 -11.13 -7.87 -13.89
CA ALA C 34 -9.68 -7.82 -13.64
C ALA C 34 -8.89 -7.91 -14.95
N VAL C 35 -7.86 -7.09 -15.06
CA VAL C 35 -6.99 -7.12 -16.25
C VAL C 35 -5.69 -7.87 -15.97
N GLY C 36 -5.65 -8.62 -14.88
CA GLY C 36 -4.52 -9.45 -14.53
C GLY C 36 -5.01 -10.50 -13.57
N THR C 37 -4.07 -11.18 -12.91
CA THR C 37 -4.42 -12.33 -12.08
C THR C 37 -4.80 -11.86 -10.67
N TYR C 38 -6.05 -11.42 -10.52
CA TYR C 38 -6.55 -10.95 -9.23
C TYR C 38 -8.07 -10.94 -9.29
N SER C 39 -8.68 -10.82 -8.12
CA SER C 39 -10.11 -10.61 -7.96
C SER C 39 -10.41 -9.14 -7.69
N GLN C 40 -11.67 -8.74 -7.92
CA GLN C 40 -12.02 -7.34 -7.68
C GLN C 40 -11.83 -6.93 -6.24
N ALA C 41 -12.24 -7.76 -5.28
CA ALA C 41 -12.13 -7.44 -3.87
C ALA C 41 -12.28 -8.71 -3.07
N VAL C 42 -11.72 -8.67 -1.85
CA VAL C 42 -11.86 -9.77 -0.89
C VAL C 42 -12.41 -9.18 0.38
N LYS C 43 -13.50 -9.75 0.88
CA LYS C 43 -14.10 -9.35 2.14
C LYS C 43 -13.82 -10.41 3.18
N VAL C 44 -13.32 -9.99 4.33
CA VAL C 44 -13.10 -10.88 5.46
C VAL C 44 -13.69 -10.23 6.69
N GLY C 45 -14.71 -10.86 7.26
CA GLY C 45 -15.47 -10.19 8.32
C GLY C 45 -16.13 -8.96 7.77
N ASN C 46 -15.89 -7.82 8.41
CA ASN C 46 -16.42 -6.56 7.93
C ASN C 46 -15.37 -5.72 7.21
N THR C 47 -14.18 -6.28 6.98
CA THR C 47 -13.11 -5.55 6.30
C THR C 47 -13.11 -5.97 4.82
N VAL C 48 -12.96 -5.00 3.92
CA VAL C 48 -12.88 -5.31 2.49
C VAL C 48 -11.62 -4.72 1.90
N TYR C 49 -10.88 -5.54 1.15
CA TYR C 49 -9.71 -5.08 0.39
C TYR C 49 -10.11 -5.02 -1.07
N ILE C 50 -10.15 -3.82 -1.64
CA ILE C 50 -10.55 -3.64 -3.02
C ILE C 50 -9.28 -3.43 -3.84
N SER C 51 -9.18 -4.19 -4.94
CA SER C 51 -8.04 -4.08 -5.84
C SER C 51 -7.89 -2.68 -6.39
N GLY C 52 -6.66 -2.38 -6.86
CA GLY C 52 -6.46 -1.14 -7.59
C GLY C 52 -7.44 -1.02 -8.74
N GLN C 53 -8.11 0.12 -8.84
CA GLN C 53 -9.08 0.38 -9.90
C GLN C 53 -8.53 1.45 -10.81
N LEU C 54 -8.68 1.21 -12.10
CA LEU C 54 -8.32 2.15 -13.15
C LEU C 54 -9.61 2.70 -13.78
N GLY C 55 -9.43 3.73 -14.60
CA GLY C 55 -10.54 4.45 -15.18
C GLY C 55 -11.21 3.79 -16.37
N PHE C 56 -11.43 2.47 -16.31
CA PHE C 56 -12.15 1.75 -17.38
C PHE C 56 -13.66 1.94 -17.29
N ASP C 57 -14.28 2.15 -18.45
CA ASP C 57 -15.73 1.94 -18.54
C ASP C 57 -15.99 0.44 -18.50
N PRO C 58 -16.71 -0.11 -17.52
CA PRO C 58 -16.85 -1.58 -17.45
C PRO C 58 -17.57 -2.15 -18.64
N GLU C 59 -18.39 -1.36 -19.33
CA GLU C 59 -19.14 -1.95 -20.46
C GLU C 59 -18.24 -2.21 -21.67
N THR C 60 -17.20 -1.40 -21.87
CA THR C 60 -16.32 -1.51 -23.02
C THR C 60 -14.92 -1.94 -22.66
N MET C 61 -14.57 -1.90 -21.37
CA MET C 61 -13.19 -2.08 -20.91
C MET C 61 -12.21 -1.18 -21.68
N GLU C 62 -12.63 0.05 -21.97
CA GLU C 62 -11.76 1.07 -22.52
C GLU C 62 -11.57 2.16 -21.47
N LEU C 63 -10.35 2.69 -21.36
CA LEU C 63 -10.11 3.82 -20.47
C LEU C 63 -10.85 5.07 -20.93
N ARG C 64 -11.36 5.83 -19.96
CA ARG C 64 -11.87 7.16 -20.28
C ARG C 64 -10.73 8.07 -20.73
N GLU C 65 -11.10 9.17 -21.41
CA GLU C 65 -10.11 10.09 -21.96
C GLU C 65 -9.74 11.17 -20.94
N GLY C 66 -8.47 11.19 -20.54
CA GLY C 66 -7.97 12.25 -19.69
C GLY C 66 -8.08 11.91 -18.22
N PHE C 67 -7.29 12.63 -17.41
CA PHE C 67 -7.21 12.32 -16.00
C PHE C 67 -8.56 12.49 -15.30
N LYS C 68 -9.24 13.63 -15.50
CA LYS C 68 -10.44 13.86 -14.70
C LYS C 68 -11.49 12.79 -14.95
N ALA C 69 -11.70 12.43 -16.22
CA ALA C 69 -12.68 11.41 -16.53
C ALA C 69 -12.25 10.04 -16.00
N GLN C 70 -10.96 9.75 -16.09
CA GLN C 70 -10.52 8.48 -15.51
C GLN C 70 -10.74 8.47 -14.00
N ALA C 71 -10.46 9.59 -13.31
CA ALA C 71 -10.60 9.60 -11.84
C ALA C 71 -12.07 9.48 -11.44
N GLU C 72 -12.95 10.16 -12.18
CA GLU C 72 -14.38 10.00 -11.91
C GLU C 72 -14.81 8.57 -12.15
N GLN C 73 -14.31 7.94 -13.21
CA GLN C 73 -14.67 6.56 -13.49
C GLN C 73 -14.14 5.61 -12.43
N VAL C 74 -12.91 5.86 -11.93
CA VAL C 74 -12.38 5.05 -10.85
C VAL C 74 -13.34 5.07 -9.67
N PHE C 75 -13.89 6.26 -9.33
CA PHE C 75 -14.82 6.31 -8.21
C PHE C 75 -16.09 5.53 -8.48
N GLU C 76 -16.62 5.60 -9.71
CA GLU C 76 -17.79 4.78 -10.02
C GLU C 76 -17.47 3.30 -9.84
N ASN C 77 -16.29 2.90 -10.32
CA ASN C 77 -15.88 1.49 -10.25
C ASN C 77 -15.74 1.04 -8.81
N ILE C 78 -15.06 1.85 -7.99
CA ILE C 78 -14.91 1.53 -6.57
C ILE C 78 -16.28 1.47 -5.90
N LYS C 79 -17.15 2.44 -6.19
CA LYS C 79 -18.48 2.45 -5.58
C LYS C 79 -19.24 1.17 -5.90
N ALA C 80 -19.17 0.71 -7.16
CA ALA C 80 -19.87 -0.53 -7.52
C ALA C 80 -19.34 -1.71 -6.73
N ILE C 81 -18.01 -1.78 -6.55
CA ILE C 81 -17.48 -2.88 -5.76
C ILE C 81 -17.88 -2.74 -4.29
N CYS C 82 -17.85 -1.52 -3.74
CA CYS C 82 -18.27 -1.30 -2.35
C CYS C 82 -19.67 -1.86 -2.14
N GLU C 83 -20.56 -1.53 -3.08
CA GLU C 83 -21.95 -1.97 -2.93
C GLU C 83 -22.07 -3.49 -3.04
N ALA C 84 -21.30 -4.11 -3.95
CA ALA C 84 -21.30 -5.56 -4.05
C ALA C 84 -20.69 -6.22 -2.83
N ALA C 85 -19.89 -5.48 -2.05
CA ALA C 85 -19.37 -6.01 -0.81
C ALA C 85 -20.28 -5.69 0.37
N GLY C 86 -21.46 -5.10 0.14
CA GLY C 86 -22.41 -4.81 1.21
C GLY C 86 -22.21 -3.49 1.89
N GLY C 87 -21.42 -2.61 1.29
CA GLY C 87 -21.13 -1.31 1.86
C GLY C 87 -21.32 -0.18 0.87
N SER C 88 -20.51 0.87 1.07
CA SER C 88 -20.62 2.07 0.26
C SER C 88 -19.30 2.82 0.38
N LEU C 89 -19.16 3.91 -0.36
CA LEU C 89 -17.93 4.69 -0.25
C LEU C 89 -17.76 5.26 1.15
N ASN C 90 -18.86 5.44 1.91
CA ASN C 90 -18.72 5.93 3.27
C ASN C 90 -17.98 4.95 4.19
N ASP C 91 -17.88 3.68 3.81
CA ASP C 91 -17.18 2.69 4.59
C ASP C 91 -15.67 2.64 4.30
N VAL C 92 -15.17 3.38 3.30
CA VAL C 92 -13.73 3.38 3.07
C VAL C 92 -12.99 3.98 4.25
N VAL C 93 -11.96 3.30 4.73
CA VAL C 93 -11.10 3.83 5.77
C VAL C 93 -9.77 4.27 5.22
N LYS C 94 -9.34 3.75 4.07
CA LYS C 94 -8.02 4.12 3.53
C LYS C 94 -8.06 4.01 2.02
N PHE C 95 -7.60 5.04 1.31
CA PHE C 95 -7.37 4.99 -0.13
C PHE C 95 -5.87 5.08 -0.40
N ASN C 96 -5.37 4.35 -1.42
CA ASN C 96 -3.98 4.53 -1.85
C ASN C 96 -4.02 4.94 -3.31
N VAL C 97 -3.49 6.13 -3.62
CA VAL C 97 -3.56 6.72 -4.96
C VAL C 97 -2.21 6.68 -5.63
N SER C 98 -2.18 6.18 -6.88
CA SER C 98 -0.99 6.19 -7.71
C SER C 98 -1.33 7.04 -8.93
N LEU C 99 -0.57 8.10 -9.16
CA LEU C 99 -0.72 9.00 -10.30
C LEU C 99 0.48 8.88 -11.21
N THR C 100 0.31 9.05 -12.53
CA THR C 100 1.51 9.19 -13.35
C THR C 100 1.98 10.64 -13.45
N ASP C 101 1.20 11.63 -13.00
CA ASP C 101 1.65 13.03 -13.01
C ASP C 101 1.07 13.76 -11.82
N LEU C 102 1.92 14.17 -10.86
CA LEU C 102 1.36 14.91 -9.72
C LEU C 102 0.87 16.30 -10.11
N SER C 103 1.02 16.75 -11.36
CA SER C 103 0.28 17.93 -11.80
C SER C 103 -1.22 17.73 -11.68
N ASP C 104 -1.70 16.48 -11.63
CA ASP C 104 -3.11 16.19 -11.51
C ASP C 104 -3.60 16.15 -10.07
N PHE C 105 -2.73 16.46 -9.09
CA PHE C 105 -3.09 16.38 -7.67
C PHE C 105 -4.30 17.25 -7.34
N ALA C 106 -4.35 18.49 -7.88
CA ALA C 106 -5.46 19.38 -7.55
C ALA C 106 -6.77 18.81 -8.05
N VAL C 107 -6.80 18.34 -9.30
CA VAL C 107 -8.05 17.76 -9.82
C VAL C 107 -8.37 16.47 -9.07
N LEU C 108 -7.35 15.68 -8.69
CA LEU C 108 -7.61 14.51 -7.84
C LEU C 108 -8.37 14.93 -6.60
N ASN C 109 -7.90 15.98 -5.94
CA ASN C 109 -8.52 16.37 -4.69
C ASN C 109 -9.95 16.86 -4.93
N GLU C 110 -10.20 17.55 -6.06
CA GLU C 110 -11.56 17.97 -6.41
C GLU C 110 -12.47 16.79 -6.64
N VAL C 111 -11.97 15.74 -7.33
CA VAL C 111 -12.81 14.59 -7.61
C VAL C 111 -13.13 13.87 -6.30
N PHE C 112 -12.16 13.84 -5.37
CA PHE C 112 -12.46 13.25 -4.05
C PHE C 112 -13.60 14.01 -3.37
N VAL C 113 -13.53 15.36 -3.39
CA VAL C 113 -14.57 16.12 -2.69
C VAL C 113 -15.92 15.83 -3.32
N ALA C 114 -15.94 15.70 -4.64
CA ALA C 114 -17.22 15.53 -5.33
C ALA C 114 -17.84 14.18 -5.02
N ASN C 115 -17.04 13.18 -4.67
CA ASN C 115 -17.54 11.82 -4.51
C ASN C 115 -17.63 11.36 -3.07
N LEU C 116 -17.10 12.12 -2.12
CA LEU C 116 -17.01 11.70 -0.74
C LEU C 116 -17.61 12.77 0.16
N SER C 117 -18.05 12.35 1.33
CA SER C 117 -18.45 13.32 2.34
C SER C 117 -17.56 13.18 3.57
N GLU C 118 -17.37 14.29 4.26
CA GLU C 118 -16.59 14.29 5.47
C GLU C 118 -17.24 13.40 6.54
N PRO C 119 -16.44 12.75 7.39
CA PRO C 119 -14.97 12.82 7.39
C PRO C 119 -14.37 11.92 6.30
N TYR C 120 -13.29 12.40 5.72
CA TYR C 120 -12.70 11.69 4.58
C TYR C 120 -11.82 10.53 5.08
N PRO C 121 -11.65 9.49 4.27
CA PRO C 121 -10.75 8.41 4.68
C PRO C 121 -9.30 8.86 4.76
N ALA C 122 -8.50 8.02 5.40
CA ALA C 122 -7.03 8.18 5.32
C ALA C 122 -6.59 7.95 3.88
N ARG C 123 -5.41 8.47 3.53
CA ARG C 123 -4.97 8.39 2.14
C ARG C 123 -3.45 8.43 2.06
N ALA C 124 -2.92 7.86 0.97
CA ALA C 124 -1.54 8.11 0.56
C ALA C 124 -1.56 8.37 -0.94
N ALA C 125 -0.58 9.12 -1.42
CA ALA C 125 -0.57 9.49 -2.83
C ALA C 125 0.87 9.62 -3.28
N VAL C 126 1.20 8.98 -4.41
CA VAL C 126 2.55 9.06 -4.97
C VAL C 126 2.45 9.17 -6.48
N GLN C 127 3.52 9.68 -7.10
CA GLN C 127 3.66 9.62 -8.55
C GLN C 127 4.49 8.40 -8.91
N VAL C 128 3.91 7.52 -9.71
CA VAL C 128 4.62 6.34 -10.21
C VAL C 128 5.11 6.59 -11.63
N ALA C 129 5.93 5.66 -12.15
CA ALA C 129 6.44 5.79 -13.51
C ALA C 129 5.40 5.43 -14.58
N ALA C 130 4.57 4.43 -14.31
CA ALA C 130 3.59 3.97 -15.29
C ALA C 130 2.59 3.10 -14.54
N LEU C 131 1.43 2.92 -15.16
CA LEU C 131 0.36 2.10 -14.61
C LEU C 131 -0.14 1.09 -15.63
N PRO C 132 -0.75 0.00 -15.18
CA PRO C 132 -1.31 -0.98 -16.10
C PRO C 132 -2.23 -0.34 -17.12
N LYS C 133 -2.14 -0.87 -18.36
CA LYS C 133 -2.96 -0.46 -19.50
C LYS C 133 -2.78 1.00 -19.86
N GLY C 134 -1.74 1.66 -19.34
CA GLY C 134 -1.50 3.06 -19.63
C GLY C 134 -2.47 4.01 -18.95
N GLY C 135 -3.16 3.56 -17.90
CA GLY C 135 -3.93 4.51 -17.10
C GLY C 135 -3.07 5.60 -16.49
N VAL C 136 -3.71 6.72 -16.13
CA VAL C 136 -3.00 7.80 -15.43
C VAL C 136 -3.38 7.91 -13.95
N VAL C 137 -4.24 7.03 -13.45
CA VAL C 137 -4.60 7.03 -12.04
C VAL C 137 -5.07 5.63 -11.66
N GLU C 138 -4.60 5.16 -10.50
CA GLU C 138 -5.04 3.88 -9.93
C GLU C 138 -5.32 4.13 -8.46
N ILE C 139 -6.47 3.63 -7.96
CA ILE C 139 -6.80 3.86 -6.56
C ILE C 139 -7.21 2.53 -5.94
N GLU C 140 -6.54 2.17 -4.85
CA GLU C 140 -6.83 1.00 -4.02
C GLU C 140 -7.65 1.44 -2.82
N SER C 141 -8.43 0.51 -2.25
CA SER C 141 -9.31 0.92 -1.13
C SER C 141 -9.37 -0.16 -0.07
N ILE C 142 -9.45 0.24 1.21
CA ILE C 142 -9.79 -0.67 2.30
C ILE C 142 -11.05 -0.10 2.96
N LEU C 143 -12.02 -0.99 3.23
CA LEU C 143 -13.27 -0.63 3.88
C LEU C 143 -13.37 -1.30 5.23
N TYR C 144 -14.07 -0.64 6.15
CA TYR C 144 -14.63 -1.30 7.34
C TYR C 144 -16.12 -1.02 7.32
N ILE C 145 -16.92 -2.07 7.20
CA ILE C 145 -18.37 -1.87 7.02
C ILE C 145 -19.09 -1.89 8.37
C1 MLI D . 11.53 -4.01 1.94
C2 MLI D . 12.66 -4.41 0.99
C3 MLI D . 11.89 -2.78 2.74
O6 MLI D . 13.87 -4.01 1.16
O7 MLI D . 12.38 -5.17 0.03
O8 MLI D . 13.05 -2.27 2.73
O9 MLI D . 10.99 -2.22 3.40
C1 MLI E . -4.32 -3.73 -10.69
C2 MLI E . -4.61 -3.05 -12.02
C3 MLI E . -3.37 -4.91 -10.83
O6 MLI E . -5.25 -1.97 -11.93
O7 MLI E . -4.24 -3.55 -13.13
O8 MLI E . -2.89 -5.31 -11.92
O9 MLI E . -3.09 -5.48 -9.73
C1 MLI F . -0.87 12.03 1.28
C2 MLI F . 0.19 13.11 1.12
C3 MLI F . -1.97 12.17 0.25
O6 MLI F . 0.03 14.07 0.30
O7 MLI F . 1.22 13.00 1.86
O8 MLI F . -2.07 13.15 -0.54
O9 MLI F . -2.79 11.21 0.20
#